data_5HRB
#
_entry.id   5HRB
#
_cell.length_a   77.770
_cell.length_b   77.770
_cell.length_c   43.080
_cell.angle_alpha   90.00
_cell.angle_beta   90.00
_cell.angle_gamma   90.00
#
_symmetry.space_group_name_H-M   'P 43'
#
loop_
_entity.id
_entity.type
_entity.pdbx_description
1 polymer 'DNA polymerase beta-like protein'
2 polymer "DNA (5'-D(*CP*GP*GP*AP*TP*AP*TP*CP*C)-3')"
3 non-polymer 'MANGANESE (II) ION'
4 non-polymer GLYCEROL
5 non-polymer BETA-MERCAPTOETHANOL
6 water water
#
loop_
_entity_poly.entity_id
_entity_poly.type
_entity_poly.pdbx_seq_one_letter_code
_entity_poly.pdbx_strand_id
1 'polypeptide(L)'
;SGGGMLTLIQGKKIVNHLRSRLAFEYNGQLIKILSKNIVAVGSLRREEKMLNDVDLLIIVPEKKLLKHVLPNIRIKGLSF
SVKVCGERKCVLFIEWEKKTYQLDLFTALAEEKPYAIFHFTGPVSYLIRIRAALKKKNYKLNQYGLFKNQTLVPLKITTE
KELIKELGFTYRIPKKRL
;
A
2 'polydeoxyribonucleotide' (DC)(DG)(DG)(DA)(DT)(DA)(DT)(DC)(DC) D,E
#
# COMPACT_ATOMS: atom_id res chain seq x y z
N GLY A 3 6.87 -0.20 17.11
CA GLY A 3 6.77 1.27 16.93
C GLY A 3 5.62 1.88 17.70
N GLY A 4 5.76 3.13 18.10
CA GLY A 4 4.72 3.84 18.84
C GLY A 4 3.63 4.37 17.94
N MET A 5 2.49 4.72 18.52
CA MET A 5 1.41 5.33 17.75
C MET A 5 1.76 6.78 17.41
N LEU A 6 1.27 7.25 16.27
CA LEU A 6 1.56 8.62 15.79
C LEU A 6 0.26 9.35 15.56
N THR A 7 0.33 10.68 15.63
CA THR A 7 -0.78 11.51 15.17
C THR A 7 -0.80 11.51 13.66
N LEU A 8 -1.94 11.86 13.10
CA LEU A 8 -2.10 11.99 11.65
C LEU A 8 -1.10 12.98 11.07
N ILE A 9 -0.92 14.12 11.74
CA ILE A 9 0.02 15.15 11.27
C ILE A 9 1.47 14.64 11.26
N GLN A 10 1.87 13.91 12.30
CA GLN A 10 3.20 13.31 12.34
C GLN A 10 3.40 12.32 11.20
N GLY A 11 2.38 11.51 10.94
CA GLY A 11 2.42 10.56 9.83
C GLY A 11 2.62 11.27 8.50
N LYS A 12 1.86 12.34 8.27
CA LYS A 12 1.97 13.10 7.04
C LYS A 12 3.36 13.73 6.88
N LYS A 13 3.91 14.22 7.99
CA LYS A 13 5.25 14.80 7.97
C LYS A 13 6.31 13.77 7.56
N ILE A 14 6.19 12.56 8.11
CA ILE A 14 7.11 11.47 7.77
C ILE A 14 7.01 11.12 6.28
N VAL A 15 5.78 11.01 5.78
CA VAL A 15 5.60 10.62 4.38
C VAL A 15 6.14 11.71 3.45
N ASN A 16 5.89 12.98 3.79
CA ASN A 16 6.42 14.07 2.97
C ASN A 16 7.95 14.07 2.92
N HIS A 17 8.59 13.66 4.02
CA HIS A 17 10.04 13.45 4.06
C HIS A 17 10.44 12.32 3.11
N LEU A 18 9.73 11.21 3.19
CA LEU A 18 10.01 10.02 2.38
C LEU A 18 9.79 10.19 0.89
N ARG A 19 8.82 11.02 0.50
CA ARG A 19 8.47 11.17 -0.92
C ARG A 19 9.61 11.67 -1.81
N SER A 20 10.62 12.28 -1.22
CA SER A 20 11.79 12.74 -1.97
C SER A 20 13.06 11.93 -1.71
N ARG A 21 12.97 10.92 -0.85
CA ARG A 21 14.17 10.24 -0.33
C ARG A 21 14.16 8.72 -0.46
N LEU A 22 13.17 8.16 -1.16
CA LEU A 22 13.10 6.72 -1.37
C LEU A 22 13.75 6.33 -2.69
N ALA A 23 14.52 5.24 -2.65
CA ALA A 23 15.18 4.73 -3.84
C ALA A 23 15.44 3.25 -3.63
N PHE A 24 15.95 2.58 -4.68
CA PHE A 24 16.40 1.20 -4.53
C PHE A 24 17.73 1.01 -5.24
N GLU A 25 18.56 0.13 -4.69
CA GLU A 25 19.90 -0.13 -5.21
C GLU A 25 19.87 -1.37 -6.09
N TYR A 26 20.27 -1.21 -7.35
CA TYR A 26 20.13 -2.27 -8.35
C TYR A 26 21.15 -2.06 -9.47
N ASN A 27 21.94 -3.08 -9.76
CA ASN A 27 22.91 -3.04 -10.87
C ASN A 27 23.86 -1.85 -10.79
N GLY A 28 24.29 -1.52 -9.57
CA GLY A 28 25.24 -0.42 -9.35
C GLY A 28 24.64 0.97 -9.46
N GLN A 29 23.32 1.05 -9.51
CA GLN A 29 22.59 2.31 -9.60
C GLN A 29 21.73 2.51 -8.37
N LEU A 30 21.59 3.75 -7.92
CA LEU A 30 20.64 4.11 -6.88
C LEU A 30 19.47 4.79 -7.59
N ILE A 31 18.38 4.04 -7.75
CA ILE A 31 17.28 4.44 -8.61
C ILE A 31 16.14 5.01 -7.77
N LYS A 32 15.73 6.24 -8.11
CA LYS A 32 14.72 6.95 -7.35
C LYS A 32 13.35 6.31 -7.49
N ILE A 33 12.64 6.20 -6.38
CA ILE A 33 11.22 5.88 -6.39
C ILE A 33 10.48 7.21 -6.44
N LEU A 34 9.72 7.43 -7.50
CA LEU A 34 9.06 8.70 -7.72
C LEU A 34 7.86 8.87 -6.79
N SER A 35 7.68 10.07 -6.25
CA SER A 35 6.50 10.39 -5.44
C SER A 35 5.23 10.13 -6.24
N LYS A 36 5.31 10.33 -7.55
CA LYS A 36 4.31 9.89 -8.52
C LYS A 36 3.77 8.49 -8.23
N ASN A 37 4.68 7.59 -7.81
CA ASN A 37 4.37 6.19 -7.63
C ASN A 37 4.29 5.77 -6.17
N ILE A 38 4.11 6.74 -5.28
CA ILE A 38 3.97 6.47 -3.85
C ILE A 38 2.57 6.90 -3.43
N VAL A 39 1.81 5.95 -2.89
CA VAL A 39 0.43 6.19 -2.50
C VAL A 39 0.28 5.88 -1.02
N ALA A 40 -0.15 6.86 -0.22
CA ALA A 40 -0.43 6.60 1.19
C ALA A 40 -1.66 5.69 1.29
N VAL A 41 -1.55 4.66 2.13
CA VAL A 41 -2.65 3.71 2.31
C VAL A 41 -2.83 3.47 3.81
N GLY A 42 -3.60 2.45 4.18
CA GLY A 42 -3.80 2.12 5.59
C GLY A 42 -4.48 3.23 6.37
N SER A 43 -4.20 3.31 7.67
CA SER A 43 -4.85 4.30 8.55
C SER A 43 -4.57 5.74 8.12
N LEU A 44 -3.41 5.99 7.52
CA LEU A 44 -3.07 7.31 6.99
C LEU A 44 -4.07 7.76 5.92
N ARG A 45 -4.36 6.88 4.95
CA ARG A 45 -5.34 7.20 3.91
C ARG A 45 -6.76 7.30 4.48
N ARG A 46 -7.04 6.52 5.52
CA ARG A 46 -8.33 6.60 6.20
C ARG A 46 -8.43 7.86 7.08
N GLU A 47 -7.34 8.62 7.18
CA GLU A 47 -7.32 9.90 7.90
C GLU A 47 -7.63 9.72 9.38
N GLU A 48 -7.18 8.61 9.95
CA GLU A 48 -7.39 8.32 11.35
C GLU A 48 -6.58 9.29 12.21
N LYS A 49 -7.15 9.70 13.33
CA LYS A 49 -6.50 10.69 14.17
C LYS A 49 -5.25 10.15 14.87
N MET A 50 -5.24 8.85 15.16
CA MET A 50 -4.04 8.19 15.67
C MET A 50 -3.69 7.00 14.78
N LEU A 51 -2.43 6.95 14.35
CA LEU A 51 -1.96 5.91 13.43
C LEU A 51 -1.20 4.82 14.18
N ASN A 52 -1.46 3.56 13.82
CA ASN A 52 -0.69 2.41 14.32
C ASN A 52 0.74 2.43 13.76
N ASP A 53 0.83 2.78 12.49
CA ASP A 53 2.09 2.87 11.76
C ASP A 53 1.86 3.68 10.49
N VAL A 54 2.89 3.82 9.67
CA VAL A 54 2.76 4.48 8.38
C VAL A 54 2.79 3.43 7.27
N ASP A 55 1.78 3.42 6.40
CA ASP A 55 1.70 2.46 5.30
C ASP A 55 1.83 3.18 3.97
N LEU A 56 2.74 2.72 3.13
CA LEU A 56 2.90 3.25 1.78
C LEU A 56 2.82 2.16 0.74
N LEU A 57 2.10 2.44 -0.34
CA LEU A 57 2.02 1.53 -1.47
C LEU A 57 2.86 2.14 -2.58
N ILE A 58 3.80 1.35 -3.08
CA ILE A 58 4.69 1.76 -4.15
C ILE A 58 4.23 1.08 -5.44
N ILE A 59 3.96 1.88 -6.45
CA ILE A 59 3.60 1.35 -7.76
C ILE A 59 4.89 1.07 -8.53
N VAL A 60 5.10 -0.21 -8.84
CA VAL A 60 6.26 -0.65 -9.60
C VAL A 60 5.79 -0.88 -11.04
N PRO A 61 6.21 0.00 -11.97
CA PRO A 61 5.62 -0.05 -13.32
C PRO A 61 6.24 -1.12 -14.23
N GLU A 62 7.07 -2.00 -13.69
CA GLU A 62 7.78 -2.98 -14.48
C GLU A 62 7.93 -4.26 -13.65
N LYS A 63 7.28 -5.34 -14.07
CA LYS A 63 7.18 -6.55 -13.26
C LYS A 63 8.54 -7.15 -12.90
N LYS A 64 9.48 -7.16 -13.83
CA LYS A 64 10.78 -7.78 -13.55
C LYS A 64 11.58 -7.04 -12.49
N LEU A 65 11.22 -5.80 -12.19
CA LEU A 65 11.87 -5.04 -11.13
C LEU A 65 11.34 -5.34 -9.73
N LEU A 66 10.20 -6.01 -9.61
CA LEU A 66 9.64 -6.33 -8.29
C LEU A 66 10.68 -6.99 -7.40
N LYS A 67 11.44 -7.93 -7.95
CA LYS A 67 12.40 -8.65 -7.13
C LYS A 67 13.55 -7.77 -6.61
N HIS A 68 13.68 -6.57 -7.16
CA HIS A 68 14.79 -5.69 -6.83
C HIS A 68 14.44 -4.42 -6.07
N VAL A 69 13.15 -4.10 -5.92
CA VAL A 69 12.75 -2.81 -5.34
C VAL A 69 12.76 -2.86 -3.80
N LEU A 70 11.74 -3.44 -3.18
CA LEU A 70 11.72 -3.48 -1.71
C LEU A 70 12.95 -4.18 -1.10
N PRO A 71 13.39 -5.30 -1.70
CA PRO A 71 14.57 -5.99 -1.14
C PRO A 71 15.85 -5.13 -1.09
N ASN A 72 15.92 -4.10 -1.92
CA ASN A 72 17.06 -3.17 -1.90
C ASN A 72 16.65 -1.74 -1.61
N ILE A 73 15.60 -1.57 -0.80
CA ILE A 73 15.06 -0.24 -0.54
C ILE A 73 16.06 0.61 0.26
N ARG A 74 16.17 1.89 -0.10
CA ARG A 74 17.08 2.82 0.55
C ARG A 74 16.32 4.08 0.91
N ILE A 75 16.64 4.66 2.06
CA ILE A 75 16.02 5.90 2.48
C ILE A 75 17.11 6.87 2.89
N LYS A 76 17.26 7.94 2.13
CA LYS A 76 18.28 8.94 2.43
C LYS A 76 17.86 9.73 3.66
N GLY A 77 18.81 10.03 4.53
CA GLY A 77 18.56 10.92 5.66
C GLY A 77 17.65 10.36 6.72
N LEU A 78 17.66 9.04 6.89
CA LEU A 78 16.84 8.38 7.90
C LEU A 78 17.58 7.15 8.43
N SER A 79 17.51 6.96 9.74
CA SER A 79 18.05 5.78 10.38
C SER A 79 16.93 4.76 10.49
N PHE A 80 17.16 3.54 10.01
CA PHE A 80 16.14 2.51 10.10
C PHE A 80 16.70 1.09 10.11
N SER A 81 15.89 0.16 10.57
CA SER A 81 16.20 -1.26 10.46
C SER A 81 15.04 -1.95 9.78
N VAL A 82 15.30 -3.17 9.33
CA VAL A 82 14.37 -3.96 8.53
C VAL A 82 13.93 -5.15 9.36
N LYS A 83 12.62 -5.31 9.53
CA LYS A 83 12.08 -6.45 10.28
C LYS A 83 11.90 -7.66 9.38
N VAL A 84 11.11 -7.49 8.32
CA VAL A 84 10.99 -8.46 7.23
C VAL A 84 10.95 -7.69 5.93
N CYS A 85 11.36 -8.32 4.85
CA CYS A 85 11.41 -7.63 3.56
C CYS A 85 11.39 -8.61 2.40
N GLY A 86 10.29 -8.60 1.65
CA GLY A 86 10.18 -9.40 0.45
C GLY A 86 9.82 -8.46 -0.68
N GLU A 87 9.41 -9.02 -1.81
CA GLU A 87 9.09 -8.24 -3.00
CA GLU A 87 9.13 -8.17 -2.97
C GLU A 87 7.77 -7.47 -2.87
N ARG A 88 6.88 -7.97 -2.02
CA ARG A 88 5.53 -7.39 -1.89
C ARG A 88 5.27 -6.69 -0.56
N LYS A 89 6.01 -7.04 0.48
CA LYS A 89 5.84 -6.42 1.80
C LYS A 89 7.18 -6.24 2.48
N CYS A 90 7.43 -5.05 2.99
CA CYS A 90 8.66 -4.76 3.71
C CYS A 90 8.31 -3.92 4.94
N VAL A 91 8.68 -4.41 6.12
CA VAL A 91 8.36 -3.75 7.37
C VAL A 91 9.63 -3.17 7.96
N LEU A 92 9.63 -1.85 8.13
CA LEU A 92 10.79 -1.13 8.63
C LEU A 92 10.48 -0.47 9.97
N PHE A 93 11.52 -0.32 10.79
CA PHE A 93 11.43 0.50 11.98
C PHE A 93 12.35 1.70 11.79
N ILE A 94 11.76 2.88 11.73
CA ILE A 94 12.51 4.11 11.46
C ILE A 94 12.66 4.94 12.71
N GLU A 95 13.72 5.74 12.75
CA GLU A 95 13.90 6.72 13.82
C GLU A 95 13.40 8.06 13.33
N TRP A 96 12.53 8.69 14.11
CA TRP A 96 11.97 9.98 13.75
C TRP A 96 11.81 10.81 15.02
N GLU A 97 12.58 11.89 15.11
CA GLU A 97 12.53 12.81 16.24
C GLU A 97 12.59 12.08 17.58
N LYS A 98 13.61 11.24 17.74
CA LYS A 98 13.91 10.54 18.99
C LYS A 98 12.95 9.42 19.34
N LYS A 99 12.14 8.98 18.38
CA LYS A 99 11.18 7.91 18.62
C LYS A 99 11.25 6.92 17.46
N THR A 100 10.83 5.69 17.73
CA THR A 100 10.82 4.62 16.73
C THR A 100 9.40 4.37 16.26
N TYR A 101 9.21 4.32 14.94
CA TYR A 101 7.92 4.05 14.34
C TYR A 101 8.04 2.96 13.30
N GLN A 102 6.94 2.25 13.09
CA GLN A 102 6.88 1.22 12.06
C GLN A 102 6.44 1.84 10.74
N LEU A 103 7.16 1.49 9.68
CA LEU A 103 6.85 1.96 8.33
C LEU A 103 6.70 0.72 7.47
N ASP A 104 5.49 0.48 6.97
CA ASP A 104 5.22 -0.67 6.11
C ASP A 104 5.21 -0.22 4.66
N LEU A 105 5.94 -0.95 3.83
CA LEU A 105 5.97 -0.67 2.40
C LEU A 105 5.41 -1.87 1.65
N PHE A 106 4.52 -1.61 0.71
CA PHE A 106 3.94 -2.66 -0.10
C PHE A 106 4.10 -2.27 -1.56
N THR A 107 4.06 -3.24 -2.47
CA THR A 107 4.16 -2.93 -3.90
C THR A 107 2.98 -3.45 -4.69
N ALA A 108 2.61 -2.69 -5.72
CA ALA A 108 1.60 -3.11 -6.68
C ALA A 108 2.09 -2.83 -8.11
N LEU A 109 1.71 -3.71 -9.03
CA LEU A 109 1.95 -3.49 -10.46
C LEU A 109 0.81 -2.64 -11.01
N ALA A 110 1.02 -2.03 -12.18
CA ALA A 110 0.07 -1.08 -12.76
C ALA A 110 -1.35 -1.65 -12.87
N GLU A 111 -1.44 -2.85 -13.42
CA GLU A 111 -2.72 -3.54 -13.61
C GLU A 111 -3.47 -3.80 -12.30
N GLU A 112 -2.72 -3.88 -11.20
CA GLU A 112 -3.28 -4.18 -9.88
C GLU A 112 -3.73 -2.95 -9.09
N LYS A 113 -3.35 -1.76 -9.55
CA LYS A 113 -3.40 -0.56 -8.72
C LYS A 113 -4.73 -0.31 -7.97
N PRO A 114 -5.88 -0.31 -8.67
CA PRO A 114 -7.13 -0.05 -7.94
C PRO A 114 -7.45 -1.13 -6.92
N TYR A 115 -7.16 -2.39 -7.26
CA TYR A 115 -7.36 -3.51 -6.34
C TYR A 115 -6.45 -3.35 -5.11
N ALA A 116 -5.23 -2.89 -5.35
CA ALA A 116 -4.27 -2.72 -4.25
C ALA A 116 -4.68 -1.57 -3.34
N ILE A 117 -5.08 -0.45 -3.95
CA ILE A 117 -5.51 0.70 -3.15
C ILE A 117 -6.72 0.28 -2.28
N PHE A 118 -7.69 -0.40 -2.90
CA PHE A 118 -8.88 -0.87 -2.18
C PHE A 118 -8.48 -1.78 -1.00
N HIS A 119 -7.61 -2.75 -1.26
CA HIS A 119 -7.13 -3.67 -0.22
C HIS A 119 -6.38 -2.94 0.89
N PHE A 120 -5.35 -2.19 0.55
CA PHE A 120 -4.49 -1.59 1.56
C PHE A 120 -5.15 -0.44 2.31
N THR A 121 -6.21 0.14 1.76
CA THR A 121 -6.95 1.17 2.48
C THR A 121 -7.69 0.56 3.67
N GLY A 122 -8.23 -0.65 3.50
CA GLY A 122 -9.03 -1.27 4.56
C GLY A 122 -10.24 -0.42 4.91
N PRO A 123 -10.67 -0.44 6.18
CA PRO A 123 -10.15 -1.22 7.28
C PRO A 123 -10.46 -2.71 7.11
N VAL A 124 -9.85 -3.54 7.96
CA VAL A 124 -9.95 -4.99 7.82
C VAL A 124 -11.39 -5.48 7.92
N SER A 125 -12.15 -4.98 8.89
CA SER A 125 -13.56 -5.37 9.06
C SER A 125 -14.37 -5.15 7.79
N TYR A 126 -14.13 -4.02 7.13
CA TYR A 126 -14.78 -3.68 5.87
C TYR A 126 -14.41 -4.67 4.78
N LEU A 127 -13.12 -4.95 4.61
CA LEU A 127 -12.68 -5.94 3.61
C LEU A 127 -13.31 -7.31 3.81
N ILE A 128 -13.39 -7.73 5.07
CA ILE A 128 -13.93 -9.06 5.38
C ILE A 128 -15.39 -9.19 4.93
N ARG A 129 -16.19 -8.16 5.20
CA ARG A 129 -17.61 -8.16 4.83
C ARG A 129 -17.80 -8.18 3.32
N ILE A 130 -17.03 -7.35 2.62
CA ILE A 130 -17.09 -7.27 1.16
C ILE A 130 -16.69 -8.61 0.53
N ARG A 131 -15.59 -9.17 0.99
CA ARG A 131 -15.07 -10.41 0.44
C ARG A 131 -15.95 -11.60 0.78
N ALA A 132 -16.58 -11.58 1.95
CA ALA A 132 -17.54 -12.61 2.33
C ALA A 132 -18.72 -12.65 1.35
N ALA A 133 -19.26 -11.48 1.04
CA ALA A 133 -20.37 -11.38 0.08
C ALA A 133 -19.96 -11.93 -1.29
N LEU A 134 -18.78 -11.54 -1.76
CA LEU A 134 -18.29 -12.02 -3.03
C LEU A 134 -18.03 -13.52 -3.03
N LYS A 135 -17.49 -14.02 -1.91
CA LYS A 135 -17.21 -15.44 -1.75
C LYS A 135 -18.49 -16.27 -1.87
N LYS A 136 -19.60 -15.74 -1.33
CA LYS A 136 -20.89 -16.42 -1.43
C LYS A 136 -21.36 -16.58 -2.87
N LYS A 137 -20.93 -15.67 -3.74
CA LYS A 137 -21.26 -15.73 -5.16
C LYS A 137 -20.17 -16.42 -5.98
N ASN A 138 -19.27 -17.14 -5.29
CA ASN A 138 -18.16 -17.87 -5.91
C ASN A 138 -17.14 -16.99 -6.64
N TYR A 139 -16.96 -15.77 -6.13
CA TYR A 139 -15.88 -14.88 -6.56
C TYR A 139 -14.82 -14.79 -5.46
N LYS A 140 -13.60 -14.40 -5.83
CA LYS A 140 -12.55 -14.12 -4.87
C LYS A 140 -11.93 -12.76 -5.19
N LEU A 141 -11.91 -11.88 -4.19
CA LEU A 141 -11.29 -10.56 -4.35
C LEU A 141 -10.03 -10.48 -3.50
N ASN A 142 -8.96 -9.94 -4.09
CA ASN A 142 -7.74 -9.68 -3.35
C ASN A 142 -7.08 -8.40 -3.88
N GLN A 143 -5.85 -8.13 -3.42
CA GLN A 143 -5.12 -6.93 -3.83
C GLN A 143 -4.64 -6.95 -5.28
N TYR A 144 -4.86 -8.06 -5.98
CA TYR A 144 -4.39 -8.23 -7.35
C TYR A 144 -5.47 -8.22 -8.42
N GLY A 145 -6.72 -8.48 -8.02
CA GLY A 145 -7.81 -8.61 -8.98
C GLY A 145 -9.05 -9.24 -8.40
N LEU A 146 -10.05 -9.39 -9.26
CA LEU A 146 -11.26 -10.16 -8.96
C LEU A 146 -11.18 -11.45 -9.77
N PHE A 147 -11.51 -12.57 -9.14
CA PHE A 147 -11.38 -13.88 -9.76
C PHE A 147 -12.66 -14.70 -9.66
N LYS A 148 -12.90 -15.51 -10.69
CA LYS A 148 -13.97 -16.52 -10.68
C LYS A 148 -13.39 -17.79 -11.31
N ASN A 149 -13.53 -18.92 -10.61
CA ASN A 149 -12.96 -20.19 -11.06
C ASN A 149 -11.47 -20.07 -11.39
N GLN A 150 -10.72 -19.42 -10.50
CA GLN A 150 -9.29 -19.19 -10.68
C GLN A 150 -8.97 -18.50 -12.02
N THR A 151 -9.90 -17.67 -12.50
CA THR A 151 -9.71 -16.89 -13.72
C THR A 151 -9.93 -15.42 -13.38
N LEU A 152 -9.00 -14.58 -13.82
CA LEU A 152 -9.10 -13.14 -13.64
C LEU A 152 -10.29 -12.58 -14.42
N VAL A 153 -11.12 -11.80 -13.73
CA VAL A 153 -12.30 -11.18 -14.33
C VAL A 153 -11.90 -9.81 -14.88
N PRO A 154 -11.97 -9.63 -16.21
CA PRO A 154 -11.41 -8.41 -16.82
C PRO A 154 -12.32 -7.19 -16.71
N LEU A 155 -12.30 -6.52 -15.56
CA LEU A 155 -13.09 -5.31 -15.35
C LEU A 155 -12.46 -4.11 -16.04
N LYS A 156 -13.28 -3.33 -16.76
CA LYS A 156 -12.81 -2.13 -17.45
C LYS A 156 -12.84 -0.97 -16.47
N ILE A 157 -11.84 -0.89 -15.60
CA ILE A 157 -11.78 0.14 -14.58
C ILE A 157 -10.35 0.66 -14.42
N THR A 158 -10.25 1.88 -13.90
CA THR A 158 -8.96 2.51 -13.64
C THR A 158 -8.78 2.85 -12.16
N THR A 159 -9.82 3.37 -11.53
CA THR A 159 -9.72 3.85 -10.16
C THR A 159 -10.40 2.92 -9.16
N GLU A 160 -10.06 3.14 -7.90
CA GLU A 160 -10.67 2.42 -6.80
C GLU A 160 -12.18 2.68 -6.72
N LYS A 161 -12.59 3.91 -6.99
CA LYS A 161 -14.00 4.27 -6.98
C LYS A 161 -14.76 3.45 -8.02
N GLU A 162 -14.20 3.39 -9.23
CA GLU A 162 -14.78 2.60 -10.32
C GLU A 162 -14.86 1.12 -9.98
N LEU A 163 -13.83 0.60 -9.31
CA LEU A 163 -13.83 -0.79 -8.88
C LEU A 163 -15.00 -1.07 -7.94
N ILE A 164 -15.14 -0.23 -6.91
CA ILE A 164 -16.16 -0.43 -5.89
C ILE A 164 -17.56 -0.46 -6.53
N LYS A 165 -17.81 0.48 -7.45
CA LYS A 165 -19.08 0.54 -8.18
C LYS A 165 -19.29 -0.71 -9.02
N GLU A 166 -18.24 -1.15 -9.71
CA GLU A 166 -18.29 -2.32 -10.57
C GLU A 166 -18.59 -3.60 -9.78
N LEU A 167 -18.06 -3.67 -8.55
CA LEU A 167 -18.34 -4.80 -7.66
C LEU A 167 -19.75 -4.75 -7.06
N GLY A 168 -20.44 -3.63 -7.22
CA GLY A 168 -21.84 -3.49 -6.81
C GLY A 168 -22.05 -3.06 -5.36
N PHE A 169 -21.07 -2.39 -4.79
CA PHE A 169 -21.16 -1.88 -3.42
C PHE A 169 -21.25 -0.37 -3.41
N THR A 170 -21.73 0.18 -2.29
CA THR A 170 -21.85 1.63 -2.13
C THR A 170 -20.47 2.24 -1.92
N TYR A 171 -20.16 3.30 -2.66
CA TYR A 171 -18.88 3.99 -2.49
C TYR A 171 -18.91 4.83 -1.23
N ARG A 172 -17.85 4.73 -0.44
CA ARG A 172 -17.61 5.62 0.68
C ARG A 172 -16.17 6.10 0.61
N ILE A 173 -15.94 7.38 0.88
CA ILE A 173 -14.58 7.90 0.93
C ILE A 173 -13.80 7.14 2.01
N PRO A 174 -12.46 7.07 1.88
CA PRO A 174 -11.66 6.25 2.79
C PRO A 174 -11.92 6.48 4.28
N LYS A 175 -12.06 7.74 4.71
CA LYS A 175 -12.27 8.01 6.14
C LYS A 175 -13.66 7.58 6.67
N LYS A 176 -14.57 7.21 5.77
CA LYS A 176 -15.91 6.77 6.18
C LYS A 176 -16.14 5.24 6.04
N ARG A 177 -15.13 4.49 5.63
CA ARG A 177 -15.28 3.03 5.53
C ARG A 177 -15.10 2.36 6.86
N LEU A 178 -16.02 1.46 7.20
CA LEU A 178 -15.90 0.65 8.40
C LEU A 178 -16.68 -0.65 8.26
#